data_7CIC
#
_entry.id   7CIC
#
_cell.length_a   87.090
_cell.length_b   51.890
_cell.length_c   146.620
_cell.angle_alpha   90.00
_cell.angle_beta   105.61
_cell.angle_gamma   90.00
#
_symmetry.space_group_name_H-M   'C 1 2 1'
#
loop_
_entity.id
_entity.type
_entity.pdbx_description
1 polymer 'UDP-3-O-acyl-N-acetylglucosamine deacetylase'
2 non-polymer 2-azanyl-N-[3-(trifluoromethyloxy)phenyl]ethanamide
3 non-polymer 'ZINC ION'
4 water water
#
_entity_poly.entity_id   1
_entity_poly.type   'polypeptide(L)'
_entity_poly.pdbx_seq_one_letter_code
;MIKQRTLKNIIRATGVGLHSGEKVYLTLKPAPVDTGIVFSRTDLDPVVEIPARAENVGETTMSTTLVKGDVKVDTVEHLL
SAMAGLGIDNAYVELSASEVPIMDGSAGPFVFLIQSAGLQEQEAAKKFIRIKREVSVEEGDKRAVFVPFDGFKVSFEIDF
DHPVFRGRTQQASVDFSSTSFVKEVSRARTFGFMRDIEYLRSQNLALGGSVENAIVVDENRVLNEDGLRYEDEFVKHKIL
DAIGDLYLLGNSLIGEFRGFKSGHALNNQLLRTLIADKDAWEVVTFEDARTAPISYMRP
;
_entity_poly.pdbx_strand_id   A,B
#
loop_
_chem_comp.id
_chem_comp.type
_chem_comp.name
_chem_comp.formula
FZ0 non-polymer 2-azanyl-N-[3-(trifluoromethyloxy)phenyl]ethanamide 'C9 H9 F3 N2 O2'
ZN non-polymer 'ZINC ION' 'Zn 2'
#
# COMPACT_ATOMS: atom_id res chain seq x y z
N MET A 1 24.58 -1.04 -22.64
CA MET A 1 23.14 -1.31 -22.39
C MET A 1 23.03 -2.58 -21.53
N ILE A 2 22.01 -2.71 -20.69
CA ILE A 2 21.68 -4.02 -20.05
C ILE A 2 21.10 -4.90 -21.17
N LYS A 3 21.74 -6.04 -21.41
CA LYS A 3 21.50 -6.91 -22.60
C LYS A 3 20.55 -8.07 -22.25
N GLN A 4 19.82 -8.52 -23.24
CA GLN A 4 19.05 -9.79 -23.13
C GLN A 4 20.02 -10.96 -22.97
N ARG A 5 19.50 -12.06 -22.38
CA ARG A 5 20.28 -13.27 -22.13
C ARG A 5 19.50 -14.48 -22.57
N THR A 6 20.25 -15.46 -23.03
CA THR A 6 19.72 -16.78 -23.39
C THR A 6 20.67 -17.80 -22.80
N LEU A 7 20.47 -19.06 -23.10
CA LEU A 7 21.39 -20.13 -22.67
C LEU A 7 22.58 -20.26 -23.62
N LYS A 8 23.74 -20.69 -23.09
CA LYS A 8 25.01 -20.84 -23.85
C LYS A 8 25.05 -22.21 -24.55
N ASN A 9 24.41 -23.21 -23.96
CA ASN A 9 24.43 -24.61 -24.41
C ASN A 9 23.03 -25.20 -24.24
N ILE A 10 22.74 -26.19 -25.06
CA ILE A 10 21.58 -27.10 -24.91
C ILE A 10 21.82 -28.00 -23.67
N ILE A 11 20.81 -28.16 -22.83
CA ILE A 11 20.88 -29.16 -21.71
C ILE A 11 19.68 -30.08 -21.81
N ARG A 12 19.92 -31.35 -21.50
CA ARG A 12 18.93 -32.45 -21.57
C ARG A 12 18.81 -32.97 -20.14
N ALA A 13 17.61 -32.98 -19.58
CA ALA A 13 17.31 -33.60 -18.27
C ALA A 13 16.12 -34.57 -18.41
N THR A 14 15.97 -35.51 -17.49
CA THR A 14 14.76 -36.36 -17.40
C THR A 14 14.26 -36.24 -15.96
N GLY A 15 12.96 -36.31 -15.77
CA GLY A 15 12.34 -36.52 -14.46
C GLY A 15 11.02 -37.23 -14.62
N VAL A 16 10.12 -37.06 -13.66
CA VAL A 16 8.76 -37.67 -13.68
C VAL A 16 7.73 -36.55 -13.55
N GLY A 17 6.65 -36.67 -14.33
CA GLY A 17 5.44 -35.84 -14.28
C GLY A 17 4.76 -35.91 -12.92
N LEU A 18 4.41 -34.75 -12.34
CA LEU A 18 3.65 -34.69 -11.06
C LEU A 18 2.35 -35.49 -11.21
N HIS A 19 1.63 -35.35 -12.33
CA HIS A 19 0.32 -35.99 -12.54
C HIS A 19 0.44 -37.41 -13.12
N SER A 20 1.27 -37.62 -14.15
CA SER A 20 1.38 -38.94 -14.83
C SER A 20 2.11 -39.97 -13.94
N GLY A 21 3.06 -39.50 -13.13
CA GLY A 21 4.08 -40.28 -12.43
C GLY A 21 5.01 -41.03 -13.38
N GLU A 22 5.06 -40.64 -14.65
CA GLU A 22 5.89 -41.32 -15.70
C GLU A 22 6.99 -40.37 -16.21
N LYS A 23 8.05 -40.96 -16.79
CA LYS A 23 9.27 -40.29 -17.30
C LYS A 23 8.88 -39.17 -18.27
N VAL A 24 9.49 -37.99 -18.11
CA VAL A 24 9.36 -36.89 -19.10
CA VAL A 24 9.36 -36.83 -19.05
C VAL A 24 10.76 -36.38 -19.43
N TYR A 25 11.02 -36.16 -20.72
CA TYR A 25 12.33 -35.68 -21.25
C TYR A 25 12.22 -34.15 -21.37
N LEU A 26 13.20 -33.46 -20.82
CA LEU A 26 13.20 -31.97 -20.76
C LEU A 26 14.43 -31.49 -21.50
N THR A 27 14.26 -30.61 -22.50
CA THR A 27 15.41 -30.07 -23.22
C THR A 27 15.33 -28.55 -23.16
N LEU A 28 16.37 -27.87 -22.67
CA LEU A 28 16.43 -26.38 -22.73
C LEU A 28 17.37 -25.96 -23.87
N LYS A 29 16.99 -24.95 -24.65
CA LYS A 29 17.75 -24.54 -25.85
C LYS A 29 17.82 -23.01 -25.87
N PRO A 30 18.94 -22.44 -26.43
CA PRO A 30 19.05 -21.02 -26.69
C PRO A 30 17.91 -20.61 -27.60
N ALA A 31 17.54 -19.34 -27.58
CA ALA A 31 16.54 -18.82 -28.54
C ALA A 31 16.90 -17.39 -28.89
N PRO A 32 16.42 -16.90 -30.04
CA PRO A 32 16.69 -15.53 -30.47
C PRO A 32 16.10 -14.42 -29.58
N VAL A 33 16.61 -13.23 -29.77
CA VAL A 33 16.18 -12.01 -29.05
C VAL A 33 14.69 -11.80 -29.26
N ASP A 34 14.02 -11.34 -28.20
CA ASP A 34 12.56 -11.07 -28.15
C ASP A 34 11.77 -12.37 -28.39
N THR A 35 12.31 -13.57 -28.14
CA THR A 35 11.48 -14.80 -28.22
C THR A 35 10.63 -14.95 -26.94
N GLY A 36 11.20 -14.64 -25.78
CA GLY A 36 10.60 -15.01 -24.49
C GLY A 36 10.91 -16.45 -24.21
N ILE A 37 10.22 -17.00 -23.23
CA ILE A 37 10.28 -18.46 -22.95
C ILE A 37 9.16 -19.10 -23.75
N VAL A 38 9.48 -20.13 -24.55
CA VAL A 38 8.48 -20.83 -25.42
C VAL A 38 8.59 -22.32 -25.16
N PHE A 39 7.46 -22.93 -24.76
CA PHE A 39 7.29 -24.37 -24.51
C PHE A 39 6.87 -25.07 -25.80
N SER A 40 7.42 -26.24 -26.07
CA SER A 40 7.00 -27.04 -27.25
C SER A 40 6.84 -28.53 -26.88
N ARG A 41 5.81 -29.16 -27.46
CA ARG A 41 5.46 -30.59 -27.26
C ARG A 41 6.05 -31.39 -28.43
N THR A 42 7.19 -32.01 -28.24
CA THR A 42 7.94 -32.72 -29.31
C THR A 42 7.48 -34.19 -29.39
N ASP A 43 6.56 -34.60 -28.50
CA ASP A 43 5.84 -35.89 -28.58
C ASP A 43 4.69 -35.75 -29.57
N LEU A 44 4.26 -34.52 -29.87
CA LEU A 44 3.13 -34.28 -30.81
C LEU A 44 3.69 -34.05 -32.22
N ASP A 45 2.86 -34.35 -33.22
CA ASP A 45 3.20 -34.31 -34.67
C ASP A 45 2.05 -33.63 -35.41
N PRO A 46 2.17 -32.36 -35.86
CA PRO A 46 3.41 -31.58 -35.79
C PRO A 46 3.72 -31.05 -34.37
N VAL A 47 4.95 -30.61 -34.13
CA VAL A 47 5.41 -30.09 -32.81
C VAL A 47 4.58 -28.83 -32.51
N VAL A 48 4.05 -28.69 -31.28
CA VAL A 48 3.14 -27.56 -30.90
C VAL A 48 3.89 -26.65 -29.92
N GLU A 49 3.98 -25.36 -30.25
CA GLU A 49 4.67 -24.30 -29.47
C GLU A 49 3.62 -23.50 -28.68
N ILE A 50 3.90 -23.23 -27.40
CA ILE A 50 3.04 -22.33 -26.57
C ILE A 50 3.94 -21.33 -25.85
N PRO A 51 3.92 -20.02 -26.18
CA PRO A 51 4.70 -19.05 -25.45
C PRO A 51 4.21 -18.96 -24.00
N ALA A 52 5.13 -18.77 -23.07
CA ALA A 52 4.80 -18.62 -21.64
C ALA A 52 4.32 -17.18 -21.45
N ARG A 53 3.06 -16.93 -21.78
CA ARG A 53 2.45 -15.58 -21.70
C ARG A 53 1.14 -15.66 -20.91
N ALA A 54 0.75 -14.59 -20.26
CA ALA A 54 -0.41 -14.57 -19.34
C ALA A 54 -1.68 -15.00 -20.09
N GLU A 55 -1.81 -14.60 -21.35
CA GLU A 55 -3.07 -14.89 -22.10
C GLU A 55 -3.11 -16.35 -22.57
N ASN A 56 -2.07 -17.15 -22.35
CA ASN A 56 -2.02 -18.60 -22.70
C ASN A 56 -2.31 -19.45 -21.47
N VAL A 57 -2.65 -18.84 -20.35
CA VAL A 57 -2.95 -19.56 -19.09
C VAL A 57 -4.39 -20.06 -19.11
N GLY A 58 -4.59 -21.39 -18.94
CA GLY A 58 -5.91 -22.02 -18.80
C GLY A 58 -6.08 -22.67 -17.44
N THR A 61 -6.06 -23.86 -11.22
CA THR A 61 -6.25 -24.73 -10.03
C THR A 61 -5.02 -24.55 -9.12
N MET A 62 -4.39 -25.66 -8.70
CA MET A 62 -3.31 -25.70 -7.67
C MET A 62 -1.93 -25.49 -8.32
N SER A 63 -1.91 -24.95 -9.53
CA SER A 63 -0.74 -24.93 -10.44
C SER A 63 -1.03 -24.00 -11.61
N THR A 64 -0.04 -23.72 -12.43
CA THR A 64 -0.22 -22.87 -13.63
C THR A 64 -0.05 -23.78 -14.86
N THR A 65 -1.05 -23.75 -15.73
CA THR A 65 -1.14 -24.54 -16.99
C THR A 65 -1.24 -23.59 -18.19
N LEU A 66 -0.36 -23.79 -19.17
CA LEU A 66 -0.44 -23.14 -20.50
C LEU A 66 -1.26 -24.02 -21.44
N VAL A 67 -2.00 -23.39 -22.33
CA VAL A 67 -2.96 -24.06 -23.25
C VAL A 67 -2.94 -23.33 -24.61
N LYS A 68 -2.98 -24.12 -25.68
CA LYS A 68 -3.24 -23.66 -27.07
C LYS A 68 -4.16 -24.70 -27.68
N GLY A 69 -5.46 -24.40 -27.75
CA GLY A 69 -6.50 -25.36 -28.19
C GLY A 69 -6.63 -26.51 -27.20
N ASP A 70 -6.44 -27.75 -27.66
CA ASP A 70 -6.61 -28.99 -26.86
C ASP A 70 -5.26 -29.45 -26.28
N VAL A 71 -4.19 -28.70 -26.50
CA VAL A 71 -2.79 -29.04 -26.08
C VAL A 71 -2.43 -28.24 -24.83
N LYS A 72 -1.78 -28.87 -23.86
CA LYS A 72 -1.48 -28.16 -22.60
C LYS A 72 -0.08 -28.50 -22.15
N VAL A 73 0.45 -27.64 -21.28
CA VAL A 73 1.71 -27.85 -20.52
C VAL A 73 1.40 -27.48 -19.07
N ASP A 74 1.39 -28.45 -18.17
CA ASP A 74 1.08 -28.26 -16.73
C ASP A 74 2.39 -28.00 -15.98
N THR A 75 2.31 -27.36 -14.83
CA THR A 75 3.42 -27.20 -13.85
C THR A 75 4.55 -26.34 -14.44
N VAL A 76 4.22 -25.22 -15.06
CA VAL A 76 5.28 -24.35 -15.65
C VAL A 76 5.90 -23.43 -14.57
N GLU A 77 5.30 -23.26 -13.38
CA GLU A 77 5.66 -22.11 -12.48
C GLU A 77 7.08 -22.26 -11.88
N HIS A 78 7.57 -23.44 -11.53
CA HIS A 78 8.93 -23.59 -10.92
C HIS A 78 10.07 -23.33 -11.94
N LEU A 79 9.97 -23.84 -13.15
CA LEU A 79 10.95 -23.57 -14.24
C LEU A 79 10.91 -22.08 -14.60
N LEU A 80 9.75 -21.47 -14.75
CA LEU A 80 9.69 -19.99 -15.02
C LEU A 80 10.28 -19.19 -13.87
N SER A 81 10.13 -19.62 -12.61
CA SER A 81 10.72 -18.91 -11.47
C SER A 81 12.25 -18.89 -11.61
N ALA A 82 12.83 -20.02 -12.01
CA ALA A 82 14.29 -20.17 -12.19
C ALA A 82 14.74 -19.25 -13.33
N MET A 83 13.98 -19.20 -14.41
CA MET A 83 14.31 -18.33 -15.58
C MET A 83 14.29 -16.87 -15.11
N ALA A 84 13.26 -16.47 -14.36
CA ALA A 84 13.08 -15.11 -13.84
C ALA A 84 14.22 -14.80 -12.88
N GLY A 85 14.54 -15.73 -11.97
CA GLY A 85 15.54 -15.46 -10.92
C GLY A 85 16.97 -15.40 -11.45
N LEU A 86 17.27 -16.05 -12.58
CA LEU A 86 18.59 -15.99 -13.23
C LEU A 86 18.62 -14.97 -14.38
N GLY A 87 17.50 -14.32 -14.70
CA GLY A 87 17.45 -13.32 -15.79
C GLY A 87 17.51 -13.92 -17.21
N ILE A 88 16.99 -15.13 -17.45
CA ILE A 88 16.90 -15.71 -18.82
C ILE A 88 15.70 -15.08 -19.52
N ASP A 89 15.94 -14.25 -20.54
CA ASP A 89 14.89 -13.61 -21.36
C ASP A 89 14.36 -14.58 -22.41
N ASN A 90 15.25 -15.36 -23.02
CA ASN A 90 14.95 -16.09 -24.27
C ASN A 90 15.35 -17.55 -24.13
N ALA A 91 14.43 -18.49 -24.35
CA ALA A 91 14.76 -19.95 -24.26
C ALA A 91 13.64 -20.76 -24.89
N TYR A 92 14.00 -21.89 -25.47
CA TYR A 92 13.04 -22.95 -25.86
C TYR A 92 13.06 -24.04 -24.81
N VAL A 93 11.87 -24.49 -24.44
CA VAL A 93 11.67 -25.59 -23.47
C VAL A 93 10.95 -26.72 -24.21
N GLU A 94 11.68 -27.80 -24.48
CA GLU A 94 11.10 -28.97 -25.21
C GLU A 94 10.67 -29.99 -24.17
N LEU A 95 9.48 -30.54 -24.32
CA LEU A 95 8.90 -31.57 -23.42
C LEU A 95 8.39 -32.77 -24.22
N SER A 96 8.70 -34.00 -23.78
CA SER A 96 8.18 -35.27 -24.35
C SER A 96 6.75 -35.58 -23.84
N ALA A 97 6.15 -34.69 -23.02
CA ALA A 97 4.81 -34.92 -22.40
C ALA A 97 4.15 -33.59 -22.00
N SER A 98 2.91 -33.66 -21.54
CA SER A 98 2.05 -32.49 -21.29
C SER A 98 2.39 -31.88 -19.92
N GLU A 99 3.52 -32.18 -19.32
CA GLU A 99 3.90 -31.49 -18.06
C GLU A 99 5.41 -31.37 -17.94
N VAL A 100 5.84 -30.31 -17.26
CA VAL A 100 7.28 -30.13 -16.90
C VAL A 100 7.55 -31.18 -15.84
N PRO A 101 8.71 -31.88 -15.83
CA PRO A 101 9.02 -32.80 -14.74
C PRO A 101 9.00 -32.07 -13.39
N ILE A 102 8.63 -32.73 -12.28
CA ILE A 102 8.47 -32.06 -10.97
C ILE A 102 9.86 -31.92 -10.33
N MET A 103 10.82 -32.80 -10.69
CA MET A 103 12.15 -32.78 -10.08
C MET A 103 11.93 -32.83 -8.57
N ASP A 104 12.66 -32.11 -7.73
CA ASP A 104 12.51 -32.10 -6.25
C ASP A 104 11.36 -31.16 -5.76
N GLY A 105 10.51 -30.62 -6.64
CA GLY A 105 9.36 -29.78 -6.24
C GLY A 105 9.73 -28.31 -6.02
N SER A 106 10.98 -27.93 -6.26
CA SER A 106 11.48 -26.52 -6.11
C SER A 106 11.97 -25.97 -7.46
N ALA A 107 12.52 -24.75 -7.46
CA ALA A 107 13.17 -24.18 -8.67
C ALA A 107 14.63 -24.60 -8.73
N GLY A 108 15.15 -25.15 -7.63
CA GLY A 108 16.58 -25.53 -7.46
C GLY A 108 17.16 -26.32 -8.64
N PRO A 109 16.52 -27.45 -9.05
CA PRO A 109 17.08 -28.26 -10.14
C PRO A 109 17.17 -27.49 -11.45
N PHE A 110 16.23 -26.56 -11.70
CA PHE A 110 16.20 -25.74 -12.93
C PHE A 110 17.29 -24.69 -12.82
N VAL A 111 17.47 -24.09 -11.64
CA VAL A 111 18.63 -23.19 -11.38
C VAL A 111 19.91 -23.93 -11.74
N PHE A 112 20.05 -25.13 -11.23
CA PHE A 112 21.31 -25.89 -11.44
C PHE A 112 21.56 -26.14 -12.94
N LEU A 113 20.52 -26.55 -13.66
CA LEU A 113 20.59 -26.85 -15.12
C LEU A 113 20.99 -25.58 -15.86
N ILE A 114 20.38 -24.45 -15.53
CA ILE A 114 20.63 -23.18 -16.26
C ILE A 114 22.05 -22.73 -16.01
N GLN A 115 22.47 -22.74 -14.74
CA GLN A 115 23.85 -22.34 -14.38
C GLN A 115 24.85 -23.27 -15.09
N SER A 116 24.52 -24.55 -15.21
CA SER A 116 25.40 -25.55 -15.88
C SER A 116 25.45 -25.29 -17.39
N ALA A 117 24.33 -24.96 -18.03
CA ALA A 117 24.29 -24.63 -19.47
C ALA A 117 25.08 -23.35 -19.76
N GLY A 118 25.12 -22.43 -18.82
CA GLY A 118 25.73 -21.10 -18.92
C GLY A 118 24.79 -20.07 -19.52
N LEU A 119 25.08 -18.80 -19.24
CA LEU A 119 24.33 -17.60 -19.73
C LEU A 119 25.05 -17.00 -20.93
N GLN A 120 24.32 -16.67 -21.98
CA GLN A 120 24.84 -16.01 -23.19
C GLN A 120 24.19 -14.63 -23.31
N GLU A 121 24.98 -13.56 -23.31
CA GLU A 121 24.49 -12.18 -23.60
C GLU A 121 24.13 -12.07 -25.08
N GLN A 122 23.05 -11.34 -25.39
CA GLN A 122 22.57 -11.10 -26.76
C GLN A 122 22.65 -9.58 -27.05
N GLU A 123 22.80 -9.20 -28.32
CA GLU A 123 23.02 -7.78 -28.74
C GLU A 123 21.67 -7.11 -28.95
N ALA A 124 20.91 -6.98 -27.86
CA ALA A 124 19.62 -6.28 -27.81
C ALA A 124 19.38 -5.88 -26.37
N ALA A 125 18.83 -4.68 -26.17
CA ALA A 125 18.51 -4.14 -24.83
C ALA A 125 17.47 -5.05 -24.17
N LYS A 126 17.72 -5.39 -22.91
CA LYS A 126 16.71 -6.11 -22.06
C LYS A 126 15.52 -5.17 -21.74
N LYS A 127 14.29 -5.65 -21.94
CA LYS A 127 13.05 -4.87 -21.66
C LYS A 127 12.54 -5.25 -20.27
N PHE A 128 12.14 -4.24 -19.50
CA PHE A 128 11.56 -4.41 -18.15
C PHE A 128 10.15 -3.84 -18.19
N ILE A 129 9.27 -4.44 -17.41
CA ILE A 129 7.92 -3.88 -17.17
C ILE A 129 7.96 -3.13 -15.85
N ARG A 130 7.80 -1.82 -15.90
CA ARG A 130 7.80 -0.95 -14.70
C ARG A 130 6.36 -0.62 -14.29
N ILE A 131 6.03 -0.95 -13.04
CA ILE A 131 4.72 -0.66 -12.40
C ILE A 131 4.69 0.84 -12.13
N LYS A 132 3.72 1.55 -12.70
CA LYS A 132 3.66 3.02 -12.56
C LYS A 132 2.60 3.39 -11.54
N ARG A 133 1.59 2.54 -11.34
CA ARG A 133 0.62 2.81 -10.26
C ARG A 133 0.09 1.50 -9.72
N GLU A 134 -0.53 1.57 -8.54
CA GLU A 134 -1.06 0.41 -7.77
C GLU A 134 -2.17 -0.25 -8.59
N VAL A 135 -2.16 -1.56 -8.62
CA VAL A 135 -3.21 -2.41 -9.23
C VAL A 135 -3.43 -3.59 -8.27
N SER A 136 -4.68 -3.88 -7.92
CA SER A 136 -5.01 -4.96 -6.94
C SER A 136 -6.18 -5.78 -7.43
N VAL A 137 -6.24 -7.03 -7.00
CA VAL A 137 -7.40 -7.93 -7.21
C VAL A 137 -7.73 -8.54 -5.86
N GLU A 138 -8.97 -8.96 -5.69
CA GLU A 138 -9.47 -9.56 -4.43
C GLU A 138 -10.42 -10.70 -4.77
N GLU A 139 -10.43 -11.74 -3.93
CA GLU A 139 -11.33 -12.92 -4.00
C GLU A 139 -11.65 -13.34 -2.58
N GLY A 140 -12.74 -12.86 -1.99
CA GLY A 140 -13.08 -13.13 -0.58
C GLY A 140 -12.05 -12.53 0.34
N ASP A 141 -11.33 -13.34 1.12
CA ASP A 141 -10.29 -12.84 2.06
C ASP A 141 -8.92 -12.77 1.36
N LYS A 142 -8.81 -13.18 0.10
CA LYS A 142 -7.53 -13.22 -0.66
C LYS A 142 -7.29 -11.90 -1.41
N ARG A 143 -6.05 -11.44 -1.43
CA ARG A 143 -5.66 -10.20 -2.16
C ARG A 143 -4.29 -10.38 -2.82
N ALA A 144 -4.11 -9.75 -3.96
CA ALA A 144 -2.82 -9.67 -4.68
C ALA A 144 -2.73 -8.25 -5.26
N VAL A 145 -1.60 -7.64 -5.07
CA VAL A 145 -1.33 -6.20 -5.34
C VAL A 145 0.01 -6.03 -6.03
N PHE A 146 0.05 -5.13 -7.02
CA PHE A 146 1.30 -4.55 -7.59
C PHE A 146 1.40 -3.09 -7.11
N VAL A 147 2.56 -2.69 -6.57
CA VAL A 147 2.86 -1.30 -6.12
C VAL A 147 4.13 -0.86 -6.80
N PRO A 148 4.23 0.43 -7.24
CA PRO A 148 5.48 0.97 -7.73
C PRO A 148 6.59 0.84 -6.69
N PHE A 149 7.78 0.47 -7.15
CA PHE A 149 8.97 0.21 -6.32
C PHE A 149 10.20 0.22 -7.23
N ASP A 150 11.26 0.95 -6.83
CA ASP A 150 12.50 1.06 -7.62
C ASP A 150 13.35 -0.19 -7.35
N GLY A 151 12.97 -1.33 -7.93
CA GLY A 151 13.65 -2.61 -7.71
C GLY A 151 12.68 -3.75 -7.96
N PHE A 152 12.88 -4.85 -7.29
CA PHE A 152 11.94 -5.99 -7.43
C PHE A 152 11.81 -6.64 -6.05
N LYS A 153 10.61 -6.67 -5.55
CA LYS A 153 10.35 -7.10 -4.15
C LYS A 153 9.06 -7.90 -4.15
N VAL A 154 9.09 -9.03 -3.46
CA VAL A 154 7.96 -9.99 -3.46
C VAL A 154 7.67 -10.32 -1.98
N SER A 155 6.47 -10.01 -1.52
CA SER A 155 6.01 -10.28 -0.12
C SER A 155 4.85 -11.23 -0.17
N PHE A 156 4.70 -12.05 0.87
CA PHE A 156 3.58 -12.99 0.95
C PHE A 156 3.23 -13.22 2.42
N GLU A 157 1.94 -13.26 2.68
CA GLU A 157 1.40 -13.50 4.04
C GLU A 157 0.25 -14.49 3.91
N ILE A 158 0.16 -15.46 4.82
CA ILE A 158 -1.06 -16.30 4.91
C ILE A 158 -1.29 -16.67 6.38
N ASP A 159 -2.54 -16.54 6.82
CA ASP A 159 -3.05 -17.11 8.10
C ASP A 159 -3.92 -18.30 7.69
N PHE A 160 -3.36 -19.53 7.68
CA PHE A 160 -4.11 -20.75 7.24
C PHE A 160 -4.43 -21.64 8.46
N ASP A 161 -5.68 -22.11 8.54
CA ASP A 161 -6.25 -22.81 9.72
C ASP A 161 -6.09 -24.33 9.56
N HIS A 162 -4.84 -24.75 9.63
CA HIS A 162 -4.34 -26.13 9.75
C HIS A 162 -3.31 -26.02 10.85
N PRO A 163 -3.24 -26.97 11.82
CA PRO A 163 -2.35 -26.85 12.98
C PRO A 163 -0.84 -26.90 12.70
N VAL A 164 -0.43 -27.40 11.54
CA VAL A 164 1.01 -27.35 11.17
C VAL A 164 1.51 -25.92 11.40
N PHE A 165 0.68 -24.89 11.16
CA PHE A 165 1.06 -23.44 11.24
C PHE A 165 0.98 -22.84 12.66
N ARG A 166 0.64 -23.59 13.71
CA ARG A 166 0.80 -23.19 15.16
C ARG A 166 -0.07 -21.98 15.54
N GLY A 167 -1.17 -21.72 14.82
CA GLY A 167 -2.07 -20.56 15.06
C GLY A 167 -1.41 -19.23 14.78
N ARG A 168 -0.33 -19.22 14.01
CA ARG A 168 0.41 -17.98 13.66
C ARG A 168 0.28 -17.69 12.15
N THR A 169 0.15 -16.40 11.81
CA THR A 169 0.34 -15.92 10.43
C THR A 169 1.79 -16.20 10.01
N GLN A 170 1.99 -16.72 8.79
CA GLN A 170 3.32 -16.92 8.13
C GLN A 170 3.56 -15.77 7.14
N GLN A 171 4.69 -15.08 7.25
CA GLN A 171 5.03 -13.87 6.45
C GLN A 171 6.47 -13.97 5.98
N ALA A 172 6.74 -13.53 4.74
CA ALA A 172 8.11 -13.27 4.28
C ALA A 172 8.09 -12.20 3.18
N SER A 173 9.19 -11.49 3.12
CA SER A 173 9.45 -10.41 2.14
C SER A 173 10.82 -10.67 1.54
N VAL A 174 10.98 -10.62 0.21
CA VAL A 174 12.32 -10.73 -0.39
C VAL A 174 12.52 -9.48 -1.27
N ASP A 175 13.57 -8.71 -0.98
CA ASP A 175 14.05 -7.61 -1.85
C ASP A 175 15.28 -8.11 -2.58
N PHE A 176 15.22 -8.28 -3.89
CA PHE A 176 16.33 -8.92 -4.66
C PHE A 176 17.57 -8.01 -4.79
N SER A 177 17.56 -6.79 -4.30
CA SER A 177 18.79 -5.94 -4.24
C SER A 177 19.69 -6.42 -3.09
N SER A 178 19.10 -6.98 -2.02
CA SER A 178 19.83 -7.49 -0.82
C SER A 178 19.81 -9.03 -0.80
N THR A 179 18.64 -9.64 -1.04
CA THR A 179 18.39 -11.11 -0.91
C THR A 179 18.67 -11.85 -2.23
N SER A 180 19.37 -12.98 -2.17
CA SER A 180 19.64 -13.86 -3.33
C SER A 180 18.43 -14.77 -3.60
N PHE A 181 17.84 -14.70 -4.80
CA PHE A 181 16.83 -15.67 -5.25
C PHE A 181 17.38 -17.09 -5.06
N VAL A 182 18.58 -17.36 -5.58
CA VAL A 182 19.19 -18.72 -5.58
C VAL A 182 19.29 -19.21 -4.13
N LYS A 183 19.80 -18.38 -3.22
CA LYS A 183 20.19 -18.78 -1.84
C LYS A 183 18.94 -18.90 -0.95
N GLU A 184 17.96 -18.02 -1.13
CA GLU A 184 16.96 -17.75 -0.06
C GLU A 184 15.56 -18.22 -0.47
N VAL A 185 15.33 -18.50 -1.76
CA VAL A 185 14.00 -18.86 -2.31
C VAL A 185 14.07 -20.18 -3.09
N SER A 186 15.08 -20.38 -3.96
CA SER A 186 15.00 -21.30 -5.12
C SER A 186 14.73 -22.74 -4.65
N ARG A 187 15.15 -23.11 -3.45
CA ARG A 187 15.09 -24.54 -3.01
C ARG A 187 13.88 -24.85 -2.11
N ALA A 188 12.97 -23.90 -1.93
CA ALA A 188 11.76 -24.05 -1.09
C ALA A 188 10.77 -25.01 -1.76
N ARG A 189 10.38 -26.06 -1.04
CA ARG A 189 9.28 -26.97 -1.39
C ARG A 189 7.97 -26.47 -0.76
N THR A 190 6.86 -26.86 -1.36
CA THR A 190 5.50 -26.58 -0.86
C THR A 190 5.09 -27.63 0.17
N PHE A 191 4.01 -27.35 0.89
CA PHE A 191 3.34 -28.34 1.80
C PHE A 191 2.31 -29.13 1.00
N GLY A 192 2.32 -30.46 1.14
CA GLY A 192 1.30 -31.33 0.54
C GLY A 192 0.52 -31.99 1.67
N PHE A 193 -0.77 -31.69 1.79
CA PHE A 193 -1.68 -32.24 2.84
C PHE A 193 -2.11 -33.65 2.40
N MET A 194 -1.88 -34.64 3.27
CA MET A 194 -2.23 -36.06 3.03
C MET A 194 -3.70 -36.17 2.58
N ARG A 195 -4.59 -35.41 3.24
CA ARG A 195 -6.04 -35.38 2.94
C ARG A 195 -6.19 -35.27 1.42
N ASP A 196 -5.61 -34.23 0.84
CA ASP A 196 -5.72 -33.82 -0.60
C ASP A 196 -4.98 -34.81 -1.51
N ILE A 197 -3.75 -35.19 -1.15
CA ILE A 197 -2.96 -36.13 -1.99
C ILE A 197 -3.71 -37.47 -2.09
N GLU A 198 -4.22 -38.00 -0.98
CA GLU A 198 -4.87 -39.34 -0.94
C GLU A 198 -6.09 -39.32 -1.88
N TYR A 199 -6.85 -38.23 -1.89
CA TYR A 199 -8.03 -38.08 -2.79
C TYR A 199 -7.58 -38.10 -4.26
N LEU A 200 -6.53 -37.35 -4.60
CA LEU A 200 -6.04 -37.30 -6.00
C LEU A 200 -5.54 -38.70 -6.43
N ARG A 201 -4.72 -39.35 -5.61
CA ARG A 201 -4.11 -40.66 -5.97
C ARG A 201 -5.23 -41.70 -6.16
N SER A 202 -6.27 -41.69 -5.32
CA SER A 202 -7.44 -42.60 -5.49
C SER A 202 -8.05 -42.45 -6.89
N GLN A 203 -7.92 -41.26 -7.50
CA GLN A 203 -8.46 -40.98 -8.87
C GLN A 203 -7.39 -41.14 -9.94
N ASN A 204 -6.22 -41.70 -9.64
CA ASN A 204 -5.13 -41.94 -10.62
C ASN A 204 -4.53 -40.59 -11.06
N LEU A 205 -4.48 -39.60 -10.13
CA LEU A 205 -3.89 -38.25 -10.32
C LEU A 205 -2.75 -38.00 -9.31
N ALA A 206 -1.89 -37.01 -9.57
CA ALA A 206 -0.77 -36.61 -8.68
C ALA A 206 0.13 -37.82 -8.41
N LEU A 207 0.24 -38.71 -9.40
CA LEU A 207 0.93 -40.02 -9.23
C LEU A 207 2.41 -39.78 -8.95
N GLY A 208 2.99 -38.63 -9.40
CA GLY A 208 4.40 -38.26 -9.18
C GLY A 208 4.69 -37.63 -7.82
N GLY A 209 3.69 -37.20 -7.06
CA GLY A 209 3.91 -36.49 -5.77
C GLY A 209 4.41 -37.40 -4.64
N SER A 210 5.37 -36.94 -3.79
CA SER A 210 5.94 -37.71 -2.64
C SER A 210 6.77 -36.82 -1.69
N VAL A 211 7.32 -37.40 -0.60
CA VAL A 211 8.31 -36.74 0.29
C VAL A 211 9.54 -36.30 -0.50
N GLU A 212 9.72 -36.80 -1.74
CA GLU A 212 10.88 -36.45 -2.61
C GLU A 212 10.65 -35.06 -3.21
N ASN A 213 9.39 -34.66 -3.41
CA ASN A 213 9.10 -33.35 -4.08
C ASN A 213 8.14 -32.45 -3.29
N ALA A 214 7.73 -32.81 -2.06
CA ALA A 214 6.89 -31.94 -1.20
C ALA A 214 7.14 -32.22 0.28
N ILE A 215 6.85 -31.24 1.12
CA ILE A 215 6.82 -31.46 2.59
C ILE A 215 5.44 -32.04 2.88
N VAL A 216 5.36 -33.31 3.27
CA VAL A 216 4.05 -33.99 3.46
C VAL A 216 3.58 -33.74 4.89
N VAL A 217 2.34 -33.30 4.99
CA VAL A 217 1.71 -32.90 6.27
C VAL A 217 0.42 -33.70 6.43
N ASP A 218 0.25 -34.25 7.61
CA ASP A 218 -1.02 -34.95 7.93
C ASP A 218 -2.00 -33.96 8.57
N GLU A 219 -3.01 -34.47 9.26
CA GLU A 219 -4.01 -33.62 9.95
C GLU A 219 -3.35 -32.63 10.91
N ASN A 220 -2.16 -32.91 11.44
CA ASN A 220 -1.56 -32.21 12.60
C ASN A 220 -0.18 -31.60 12.30
N ARG A 221 0.65 -32.21 11.44
CA ARG A 221 2.09 -31.89 11.47
C ARG A 221 2.85 -32.42 10.25
N VAL A 222 4.07 -31.89 10.11
CA VAL A 222 5.07 -32.29 9.08
C VAL A 222 5.56 -33.69 9.45
N LEU A 223 5.49 -34.63 8.52
CA LEU A 223 5.96 -36.02 8.73
C LEU A 223 7.48 -36.10 8.64
N ASN A 224 8.15 -35.42 7.70
CA ASN A 224 9.64 -35.53 7.59
C ASN A 224 10.27 -34.15 7.69
N GLU A 225 10.52 -33.72 8.92
CA GLU A 225 11.20 -32.43 9.23
C GLU A 225 12.64 -32.50 8.69
N ASP A 226 13.16 -33.71 8.42
CA ASP A 226 14.54 -33.94 7.92
C ASP A 226 14.70 -33.37 6.52
N GLY A 227 13.60 -33.21 5.78
CA GLY A 227 13.59 -32.68 4.40
C GLY A 227 13.38 -31.18 4.33
N LEU A 228 13.06 -30.53 5.47
CA LEU A 228 12.92 -29.05 5.59
C LEU A 228 14.27 -28.37 5.27
N ARG A 229 14.25 -27.31 4.46
CA ARG A 229 15.47 -26.59 4.01
C ARG A 229 15.53 -25.17 4.61
N TYR A 230 14.39 -24.53 4.85
CA TYR A 230 14.35 -23.11 5.26
C TYR A 230 13.41 -22.95 6.47
N GLU A 231 13.63 -21.92 7.29
CA GLU A 231 12.59 -21.35 8.17
C GLU A 231 11.52 -20.74 7.25
N ASP A 232 10.25 -20.90 7.60
CA ASP A 232 9.12 -20.28 6.87
C ASP A 232 9.13 -20.79 5.41
N GLU A 233 9.41 -22.09 5.21
CA GLU A 233 9.61 -22.65 3.85
C GLU A 233 8.30 -22.54 3.05
N PHE A 234 7.13 -22.71 3.68
CA PHE A 234 5.84 -22.71 2.95
C PHE A 234 5.67 -21.35 2.27
N VAL A 235 5.92 -20.26 2.99
CA VAL A 235 5.73 -18.90 2.40
CA VAL A 235 5.78 -18.88 2.45
C VAL A 235 6.85 -18.63 1.40
N LYS A 236 8.08 -19.14 1.62
CA LYS A 236 9.17 -18.96 0.61
C LYS A 236 8.74 -19.65 -0.70
N HIS A 237 8.06 -20.81 -0.65
CA HIS A 237 7.57 -21.49 -1.86
C HIS A 237 6.50 -20.64 -2.55
N LYS A 238 5.65 -19.99 -1.78
CA LYS A 238 4.59 -19.13 -2.38
C LYS A 238 5.25 -17.97 -3.12
N ILE A 239 6.33 -17.42 -2.59
CA ILE A 239 7.14 -16.35 -3.27
C ILE A 239 7.79 -16.92 -4.54
N LEU A 240 8.37 -18.13 -4.50
CA LEU A 240 8.92 -18.84 -5.69
C LEU A 240 7.81 -18.96 -6.76
N ASP A 241 6.62 -19.39 -6.35
CA ASP A 241 5.45 -19.59 -7.26
C ASP A 241 5.10 -18.25 -7.91
N ALA A 242 5.03 -17.21 -7.11
CA ALA A 242 4.59 -15.86 -7.59
C ALA A 242 5.62 -15.33 -8.59
N ILE A 243 6.93 -15.51 -8.35
CA ILE A 243 7.97 -15.04 -9.31
C ILE A 243 7.73 -15.73 -10.66
N GLY A 244 7.43 -17.03 -10.66
CA GLY A 244 7.17 -17.78 -11.88
C GLY A 244 5.93 -17.29 -12.57
N ASP A 245 4.85 -17.06 -11.81
CA ASP A 245 3.59 -16.56 -12.39
C ASP A 245 3.82 -15.16 -13.00
N LEU A 246 4.56 -14.27 -12.33
CA LEU A 246 4.81 -12.87 -12.75
C LEU A 246 5.62 -12.91 -14.06
N TYR A 247 6.47 -13.91 -14.24
CA TYR A 247 7.29 -13.99 -15.46
C TYR A 247 6.43 -14.25 -16.70
N LEU A 248 5.16 -14.61 -16.54
CA LEU A 248 4.22 -14.76 -17.68
C LEU A 248 3.93 -13.41 -18.30
N LEU A 249 4.32 -12.31 -17.66
CA LEU A 249 4.22 -10.95 -18.26
C LEU A 249 5.17 -10.89 -19.47
N GLY A 250 6.22 -11.70 -19.48
CA GLY A 250 7.17 -11.81 -20.62
C GLY A 250 8.47 -11.05 -20.42
N ASN A 251 8.63 -10.32 -19.32
CA ASN A 251 9.84 -9.50 -19.04
C ASN A 251 10.02 -9.42 -17.54
N SER A 252 11.24 -9.10 -17.09
CA SER A 252 11.54 -8.80 -15.68
C SER A 252 10.71 -7.59 -15.19
N LEU A 253 10.26 -7.62 -13.95
CA LEU A 253 9.35 -6.61 -13.37
C LEU A 253 10.19 -5.59 -12.61
N ILE A 254 9.89 -4.30 -12.75
CA ILE A 254 10.40 -3.27 -11.81
C ILE A 254 9.21 -2.82 -10.98
N GLY A 255 9.08 -3.34 -9.77
CA GLY A 255 7.89 -3.10 -8.93
C GLY A 255 7.88 -4.04 -7.74
N GLU A 256 6.81 -3.99 -6.97
CA GLU A 256 6.62 -4.80 -5.75
C GLU A 256 5.32 -5.58 -5.90
N PHE A 257 5.36 -6.87 -5.58
CA PHE A 257 4.18 -7.75 -5.50
C PHE A 257 3.91 -8.01 -4.02
N ARG A 258 2.66 -7.90 -3.62
CA ARG A 258 2.22 -8.25 -2.25
C ARG A 258 1.09 -9.26 -2.34
N GLY A 259 1.28 -10.43 -1.74
CA GLY A 259 0.29 -11.53 -1.75
C GLY A 259 -0.30 -11.75 -0.36
N PHE A 260 -1.62 -11.84 -0.27
CA PHE A 260 -2.36 -12.08 1.02
C PHE A 260 -3.22 -13.32 0.81
N LYS A 261 -2.68 -14.46 1.18
CA LYS A 261 -3.40 -15.75 1.01
C LYS A 261 -3.69 -15.98 -0.48
N SER A 262 -2.89 -15.43 -1.39
CA SER A 262 -3.08 -15.55 -2.85
C SER A 262 -2.44 -16.87 -3.34
N GLY A 263 -2.76 -17.27 -4.56
CA GLY A 263 -2.33 -18.52 -5.19
C GLY A 263 -2.30 -18.29 -6.69
N HIS A 264 -2.08 -19.35 -7.47
CA HIS A 264 -1.90 -19.28 -8.94
C HIS A 264 -3.11 -18.59 -9.57
N ALA A 265 -4.32 -18.87 -9.11
CA ALA A 265 -5.54 -18.31 -9.73
C ALA A 265 -5.56 -16.78 -9.53
N LEU A 266 -5.40 -16.29 -8.30
CA LEU A 266 -5.47 -14.82 -8.08
C LEU A 266 -4.23 -14.17 -8.73
N ASN A 267 -3.05 -14.81 -8.68
CA ASN A 267 -1.89 -14.24 -9.41
C ASN A 267 -2.29 -13.96 -10.86
N ASN A 268 -2.89 -14.93 -11.57
CA ASN A 268 -3.15 -14.76 -13.04
C ASN A 268 -4.19 -13.66 -13.21
N GLN A 269 -5.15 -13.57 -12.30
CA GLN A 269 -6.17 -12.49 -12.38
C GLN A 269 -5.47 -11.13 -12.19
N LEU A 270 -4.44 -11.05 -11.34
CA LEU A 270 -3.66 -9.80 -11.18
C LEU A 270 -2.95 -9.47 -12.49
N LEU A 271 -2.31 -10.45 -13.15
CA LEU A 271 -1.63 -10.21 -14.45
C LEU A 271 -2.64 -9.62 -15.46
N ARG A 272 -3.80 -10.24 -15.60
CA ARG A 272 -4.84 -9.79 -16.60
C ARG A 272 -5.35 -8.37 -16.26
N THR A 273 -5.55 -8.06 -14.99
CA THR A 273 -5.95 -6.70 -14.52
C THR A 273 -4.84 -5.72 -14.87
N LEU A 274 -3.56 -6.04 -14.64
CA LEU A 274 -2.44 -5.14 -14.96
C LEU A 274 -2.46 -4.89 -16.46
N ILE A 275 -2.56 -5.96 -17.26
CA ILE A 275 -2.44 -5.88 -18.74
C ILE A 275 -3.53 -4.94 -19.26
N ALA A 276 -4.75 -5.08 -18.74
CA ALA A 276 -5.91 -4.21 -19.11
C ALA A 276 -5.66 -2.75 -18.71
N ASP A 277 -5.02 -2.49 -17.55
CA ASP A 277 -4.79 -1.10 -17.05
C ASP A 277 -3.49 -0.54 -17.63
N LYS A 278 -3.53 -0.09 -18.87
CA LYS A 278 -2.32 0.21 -19.67
C LYS A 278 -1.60 1.45 -19.15
N ASP A 279 -2.28 2.33 -18.39
CA ASP A 279 -1.62 3.51 -17.79
C ASP A 279 -0.89 3.10 -16.50
N ALA A 280 -1.00 1.84 -16.08
CA ALA A 280 -0.39 1.39 -14.81
C ALA A 280 1.01 0.79 -15.03
N TRP A 281 1.44 0.62 -16.26
CA TRP A 281 2.77 -0.02 -16.53
C TRP A 281 3.36 0.56 -17.80
N GLU A 282 4.68 0.46 -17.94
CA GLU A 282 5.41 0.86 -19.18
C GLU A 282 6.58 -0.12 -19.37
N VAL A 283 6.99 -0.28 -20.59
CA VAL A 283 8.21 -1.09 -20.92
C VAL A 283 9.39 -0.13 -20.97
N VAL A 284 10.49 -0.41 -20.25
CA VAL A 284 11.68 0.49 -20.17
C VAL A 284 12.92 -0.36 -20.46
N THR A 285 13.98 0.29 -20.97
CA THR A 285 15.38 -0.24 -21.06
C THR A 285 16.34 0.65 -20.30
N PHE A 286 17.57 0.17 -20.06
CA PHE A 286 18.64 0.92 -19.36
C PHE A 286 19.98 0.89 -20.13
N GLU A 287 20.73 1.99 -20.06
CA GLU A 287 22.12 2.11 -20.59
C GLU A 287 23.13 2.10 -19.43
N ASP A 288 22.87 1.29 -18.39
CA ASP A 288 23.74 1.07 -17.21
C ASP A 288 23.85 2.35 -16.37
N MET B 1 20.50 23.99 17.01
CA MET B 1 19.44 22.99 16.93
C MET B 1 18.14 23.71 16.54
N ILE B 2 17.27 23.01 15.82
CA ILE B 2 15.91 23.50 15.49
C ILE B 2 15.07 23.44 16.78
N LYS B 3 14.49 24.58 17.12
CA LYS B 3 13.85 24.86 18.43
C LYS B 3 12.34 24.77 18.34
N GLN B 4 11.70 24.40 19.44
CA GLN B 4 10.23 24.49 19.64
C GLN B 4 9.80 25.95 19.49
N ARG B 5 8.54 26.14 19.09
CA ARG B 5 7.97 27.47 18.89
C ARG B 5 6.62 27.52 19.60
N THR B 6 6.36 28.70 20.16
CA THR B 6 5.09 29.07 20.77
C THR B 6 4.69 30.44 20.21
N LEU B 7 3.61 30.97 20.72
CA LEU B 7 3.18 32.34 20.34
C LEU B 7 3.91 33.35 21.21
N LYS B 8 4.19 34.54 20.67
CA LYS B 8 4.86 35.66 21.39
C LYS B 8 3.86 36.48 22.21
N ASN B 9 2.62 36.57 21.74
CA ASN B 9 1.55 37.36 22.40
C ASN B 9 0.27 36.54 22.54
N ILE B 10 -0.58 37.00 23.46
CA ILE B 10 -1.99 36.53 23.51
C ILE B 10 -2.77 37.20 22.39
N ILE B 11 -3.69 36.47 21.80
CA ILE B 11 -4.58 37.04 20.75
C ILE B 11 -5.98 36.46 20.93
N ARG B 12 -6.97 37.34 20.75
CA ARG B 12 -8.39 37.05 21.01
C ARG B 12 -9.15 37.15 19.69
N ALA B 13 -10.15 36.31 19.56
CA ALA B 13 -11.07 36.42 18.41
C ALA B 13 -12.44 35.96 18.86
N THR B 14 -13.44 36.38 18.11
CA THR B 14 -14.83 35.92 18.32
C THR B 14 -15.30 35.33 16.99
N GLY B 15 -16.17 34.35 17.06
CA GLY B 15 -16.87 33.89 15.85
C GLY B 15 -18.13 33.19 16.28
N VAL B 16 -18.72 32.41 15.39
CA VAL B 16 -19.98 31.69 15.66
C VAL B 16 -19.67 30.19 15.69
N GLY B 17 -20.27 29.47 16.61
CA GLY B 17 -20.23 27.99 16.60
C GLY B 17 -20.94 27.47 15.36
N LEU B 18 -20.31 26.53 14.64
CA LEU B 18 -20.95 25.86 13.48
C LEU B 18 -22.32 25.31 13.91
N HIS B 19 -22.39 24.61 15.04
CA HIS B 19 -23.64 23.92 15.47
C HIS B 19 -24.57 24.89 16.19
N SER B 20 -24.05 25.69 17.10
CA SER B 20 -24.86 26.55 17.99
C SER B 20 -25.39 27.77 17.24
N GLY B 21 -24.64 28.27 16.27
CA GLY B 21 -24.91 29.58 15.65
C GLY B 21 -24.78 30.70 16.67
N GLU B 22 -24.20 30.44 17.86
CA GLU B 22 -23.94 31.48 18.91
C GLU B 22 -22.48 31.91 18.89
N LYS B 23 -22.26 33.12 19.41
CA LYS B 23 -20.95 33.75 19.69
C LYS B 23 -20.10 32.79 20.54
N VAL B 24 -18.88 32.56 20.09
CA VAL B 24 -17.85 31.86 20.92
CA VAL B 24 -17.82 31.84 20.87
C VAL B 24 -16.63 32.77 20.96
N TYR B 25 -16.05 32.91 22.15
CA TYR B 25 -14.83 33.70 22.42
C TYR B 25 -13.66 32.71 22.46
N LEU B 26 -12.67 32.98 21.63
CA LEU B 26 -11.39 32.23 21.51
C LEU B 26 -10.23 33.10 22.00
N THR B 27 -9.31 32.48 22.73
CA THR B 27 -8.06 33.13 23.16
C THR B 27 -6.94 32.14 22.88
N LEU B 28 -5.92 32.60 22.19
CA LEU B 28 -4.65 31.82 22.00
C LEU B 28 -3.60 32.43 22.93
N LYS B 29 -2.82 31.58 23.60
CA LYS B 29 -1.76 32.01 24.56
C LYS B 29 -0.50 31.19 24.33
N PRO B 30 0.66 31.79 24.68
CA PRO B 30 1.92 31.05 24.78
C PRO B 30 1.73 29.89 25.77
N ALA B 31 2.52 28.83 25.61
CA ALA B 31 2.57 27.74 26.61
C ALA B 31 4.01 27.25 26.69
N PRO B 32 4.37 26.60 27.80
CA PRO B 32 5.73 26.13 28.02
C PRO B 32 6.16 25.06 27.00
N VAL B 33 7.47 24.82 26.94
CA VAL B 33 8.07 23.72 26.15
C VAL B 33 7.41 22.41 26.54
N ASP B 34 7.25 21.51 25.56
CA ASP B 34 6.69 20.13 25.71
C ASP B 34 5.25 20.13 26.21
N THR B 35 4.49 21.25 26.13
CA THR B 35 3.05 21.28 26.45
C THR B 35 2.22 20.67 25.31
N GLY B 36 2.58 20.95 24.06
CA GLY B 36 1.73 20.68 22.88
C GLY B 36 0.65 21.72 22.83
N ILE B 37 -0.38 21.44 22.03
CA ILE B 37 -1.61 22.29 21.93
C ILE B 37 -2.66 21.74 22.93
N VAL B 38 -3.13 22.60 23.85
CA VAL B 38 -4.04 22.25 24.97
C VAL B 38 -5.26 23.17 24.91
N PHE B 39 -6.43 22.56 24.75
CA PHE B 39 -7.73 23.26 24.70
C PHE B 39 -8.20 23.39 26.14
N SER B 40 -8.87 24.48 26.47
CA SER B 40 -9.52 24.60 27.80
C SER B 40 -10.87 25.29 27.64
N ARG B 41 -11.83 24.78 28.41
CA ARG B 41 -13.22 25.28 28.50
C ARG B 41 -13.27 26.23 29.70
N THR B 42 -13.21 27.54 29.44
CA THR B 42 -13.15 28.57 30.51
C THR B 42 -14.56 29.02 30.90
N ASP B 43 -15.60 28.49 30.26
CA ASP B 43 -17.02 28.72 30.65
C ASP B 43 -17.39 27.84 31.85
N LEU B 44 -16.61 26.78 32.12
CA LEU B 44 -16.87 25.79 33.19
C LEU B 44 -16.07 26.15 34.43
N ASP B 45 -16.59 25.74 35.58
CA ASP B 45 -15.96 25.94 36.92
C ASP B 45 -15.95 24.58 37.62
N PRO B 46 -14.77 23.98 37.88
CA PRO B 46 -13.48 24.56 37.47
C PRO B 46 -13.25 24.40 35.96
N VAL B 47 -12.26 25.13 35.43
CA VAL B 47 -11.84 25.07 34.00
C VAL B 47 -11.46 23.63 33.68
N VAL B 48 -11.78 23.16 32.48
CA VAL B 48 -11.37 21.79 32.01
C VAL B 48 -10.39 21.94 30.86
N GLU B 49 -9.22 21.30 30.97
CA GLU B 49 -8.17 21.28 29.92
C GLU B 49 -8.25 19.96 29.16
N ILE B 50 -8.17 20.00 27.83
CA ILE B 50 -8.06 18.77 26.99
C ILE B 50 -6.87 18.90 26.04
N PRO B 51 -5.77 18.16 26.31
CA PRO B 51 -4.68 18.08 25.37
C PRO B 51 -5.18 17.60 23.99
N ALA B 52 -4.71 18.25 22.93
CA ALA B 52 -4.95 17.85 21.53
C ALA B 52 -4.03 16.66 21.22
N ARG B 53 -4.48 15.47 21.59
CA ARG B 53 -3.74 14.19 21.43
C ARG B 53 -4.71 13.13 20.89
N ALA B 54 -4.19 12.20 20.06
CA ALA B 54 -4.90 11.16 19.29
C ALA B 54 -5.83 10.36 20.21
N GLU B 55 -5.36 10.05 21.42
CA GLU B 55 -6.10 9.29 22.48
C GLU B 55 -7.31 10.06 23.04
N ASN B 56 -7.42 11.39 22.86
CA ASN B 56 -8.56 12.17 23.43
C ASN B 56 -9.65 12.39 22.38
N VAL B 57 -9.52 11.84 21.16
CA VAL B 57 -10.54 12.01 20.09
C VAL B 57 -11.73 11.11 20.40
N GLY B 58 -12.95 11.67 20.36
CA GLY B 58 -14.22 11.03 20.77
C GLY B 58 -15.08 10.56 19.60
N THR B 61 -16.68 12.09 12.85
CA THR B 61 -18.14 12.07 12.60
C THR B 61 -18.65 13.48 12.30
N MET B 62 -18.21 13.98 11.15
CA MET B 62 -18.40 15.27 10.44
C MET B 62 -17.25 16.20 10.81
N SER B 63 -16.59 15.94 11.94
CA SER B 63 -15.48 16.79 12.43
C SER B 63 -14.69 16.05 13.52
N THR B 64 -13.55 16.58 13.90
CA THR B 64 -12.75 15.96 14.98
C THR B 64 -13.17 16.60 16.29
N THR B 65 -13.58 15.79 17.27
CA THR B 65 -14.01 16.22 18.61
C THR B 65 -13.00 15.68 19.64
N LEU B 66 -12.51 16.53 20.54
CA LEU B 66 -11.73 16.12 21.73
C LEU B 66 -12.71 15.93 22.88
N VAL B 67 -12.49 14.91 23.71
CA VAL B 67 -13.41 14.51 24.82
C VAL B 67 -12.57 14.33 26.09
N LYS B 68 -13.10 14.80 27.22
CA LYS B 68 -12.61 14.48 28.59
C LYS B 68 -13.84 14.29 29.47
N GLY B 69 -14.21 13.02 29.69
CA GLY B 69 -15.42 12.67 30.45
C GLY B 69 -16.64 13.11 29.69
N ASP B 70 -17.45 13.99 30.30
CA ASP B 70 -18.69 14.53 29.67
C ASP B 70 -18.39 15.86 28.95
N VAL B 71 -17.12 16.29 28.92
CA VAL B 71 -16.73 17.64 28.40
C VAL B 71 -16.12 17.45 27.00
N LYS B 72 -16.55 18.23 26.02
CA LYS B 72 -15.97 18.13 24.65
C LYS B 72 -15.56 19.50 24.13
N VAL B 73 -14.71 19.46 23.12
CA VAL B 73 -14.44 20.58 22.17
C VAL B 73 -14.57 20.01 20.75
N ASP B 74 -15.51 20.58 19.99
CA ASP B 74 -15.83 20.21 18.58
C ASP B 74 -15.07 21.13 17.61
N THR B 75 -14.84 20.67 16.39
CA THR B 75 -14.28 21.47 15.25
C THR B 75 -12.83 21.90 15.51
N VAL B 76 -11.96 20.99 15.94
CA VAL B 76 -10.56 21.38 16.30
C VAL B 76 -9.66 21.35 15.04
N GLU B 77 -10.07 20.71 13.94
CA GLU B 77 -9.12 20.32 12.87
C GLU B 77 -8.58 21.54 12.11
N HIS B 78 -9.37 22.59 11.86
CA HIS B 78 -8.88 23.74 11.06
C HIS B 78 -7.86 24.56 11.87
N LEU B 79 -8.10 24.78 13.17
CA LEU B 79 -7.16 25.53 14.04
C LEU B 79 -5.88 24.69 14.18
N LEU B 80 -5.95 23.36 14.33
CA LEU B 80 -4.74 22.50 14.43
C LEU B 80 -3.99 22.46 13.11
N SER B 81 -4.68 22.57 11.98
CA SER B 81 -4.01 22.56 10.67
C SER B 81 -3.10 23.79 10.54
N ALA B 82 -3.59 24.93 11.02
CA ALA B 82 -2.88 26.23 11.04
C ALA B 82 -1.65 26.12 11.97
N MET B 83 -1.82 25.56 13.17
CA MET B 83 -0.68 25.38 14.12
C MET B 83 0.37 24.49 13.45
N ALA B 84 -0.02 23.37 12.82
CA ALA B 84 0.90 22.45 12.13
C ALA B 84 1.59 23.18 10.98
N GLY B 85 0.83 23.91 10.19
CA GLY B 85 1.36 24.63 9.03
C GLY B 85 2.38 25.68 9.40
N LEU B 86 2.28 26.36 10.56
CA LEU B 86 3.19 27.47 10.92
C LEU B 86 4.20 26.95 11.94
N GLY B 87 4.15 25.65 12.28
CA GLY B 87 5.17 25.05 13.15
C GLY B 87 5.00 25.46 14.60
N ILE B 88 3.78 25.68 15.08
CA ILE B 88 3.52 25.98 16.51
C ILE B 88 3.49 24.66 17.28
N ASP B 89 4.50 24.45 18.15
CA ASP B 89 4.62 23.27 19.03
C ASP B 89 3.68 23.40 20.24
N ASN B 90 3.67 24.59 20.85
CA ASN B 90 3.16 24.81 22.22
C ASN B 90 2.15 25.98 22.22
N ALA B 91 0.94 25.78 22.73
CA ALA B 91 -0.07 26.86 22.81
C ALA B 91 -1.22 26.41 23.68
N TYR B 92 -1.86 27.37 24.36
CA TYR B 92 -3.15 27.20 25.05
C TYR B 92 -4.22 27.80 24.15
N VAL B 93 -5.29 27.05 23.95
CA VAL B 93 -6.51 27.56 23.24
C VAL B 93 -7.66 27.56 24.25
N GLU B 94 -8.12 28.73 24.63
CA GLU B 94 -9.23 28.93 25.61
C GLU B 94 -10.51 29.18 24.83
N LEU B 95 -11.56 28.44 25.14
CA LEU B 95 -12.90 28.61 24.49
C LEU B 95 -13.98 28.87 25.54
N SER B 96 -14.92 29.76 25.24
CA SER B 96 -16.13 30.04 26.05
C SER B 96 -17.24 29.01 25.80
N ALA B 97 -17.04 28.02 24.94
CA ALA B 97 -18.08 27.05 24.51
C ALA B 97 -17.45 25.77 24.01
N SER B 98 -18.28 24.76 23.76
CA SER B 98 -17.86 23.38 23.39
C SER B 98 -17.48 23.30 21.91
N GLU B 99 -17.28 24.42 21.20
CA GLU B 99 -16.84 24.36 19.78
C GLU B 99 -15.92 25.55 19.45
N VAL B 100 -14.88 25.29 18.66
CA VAL B 100 -13.98 26.32 18.05
C VAL B 100 -14.86 27.12 17.10
N PRO B 101 -14.83 28.46 17.05
CA PRO B 101 -15.60 29.22 16.05
C PRO B 101 -15.24 28.75 14.65
N ILE B 102 -16.20 28.71 13.73
CA ILE B 102 -16.01 28.14 12.36
C ILE B 102 -15.30 29.17 11.49
N MET B 103 -15.43 30.45 11.83
CA MET B 103 -14.81 31.54 11.05
C MET B 103 -15.26 31.38 9.57
N ASP B 104 -14.38 31.46 8.58
CA ASP B 104 -14.75 31.33 7.14
C ASP B 104 -14.70 29.85 6.68
N GLY B 105 -14.54 28.89 7.61
CA GLY B 105 -14.58 27.45 7.31
C GLY B 105 -13.24 26.93 6.77
N SER B 106 -12.19 27.75 6.79
CA SER B 106 -10.80 27.38 6.38
C SER B 106 -9.81 27.58 7.55
N ALA B 107 -8.53 27.35 7.30
CA ALA B 107 -7.48 27.60 8.33
C ALA B 107 -7.00 29.05 8.22
N GLY B 108 -7.38 29.73 7.14
CA GLY B 108 -6.93 31.10 6.81
C GLY B 108 -7.00 32.03 8.02
N PRO B 109 -8.17 32.19 8.69
CA PRO B 109 -8.24 33.15 9.79
C PRO B 109 -7.29 32.81 10.96
N PHE B 110 -7.06 31.52 11.17
CA PHE B 110 -6.16 31.05 12.26
C PHE B 110 -4.70 31.32 11.90
N VAL B 111 -4.33 31.10 10.64
CA VAL B 111 -3.00 31.49 10.12
C VAL B 111 -2.81 32.97 10.43
N PHE B 112 -3.78 33.80 10.12
CA PHE B 112 -3.62 35.27 10.30
C PHE B 112 -3.43 35.61 11.79
N LEU B 113 -4.21 34.99 12.67
CA LEU B 113 -4.19 35.20 14.15
C LEU B 113 -2.82 34.79 14.68
N ILE B 114 -2.34 33.62 14.25
CA ILE B 114 -1.01 33.13 14.70
C ILE B 114 0.09 34.08 14.23
N GLN B 115 0.09 34.47 12.97
CA GLN B 115 1.12 35.40 12.42
C GLN B 115 1.07 36.73 13.19
N SER B 116 -0.13 37.24 13.52
CA SER B 116 -0.33 38.54 14.23
C SER B 116 0.18 38.45 15.68
N ALA B 117 0.05 37.31 16.35
CA ALA B 117 0.52 37.11 17.72
C ALA B 117 2.06 37.12 17.70
N GLY B 118 2.64 36.62 16.60
CA GLY B 118 4.08 36.42 16.40
C GLY B 118 4.52 35.06 16.91
N LEU B 119 5.66 34.60 16.39
CA LEU B 119 6.28 33.28 16.70
C LEU B 119 7.42 33.48 17.69
N GLN B 120 7.49 32.68 18.75
CA GLN B 120 8.54 32.76 19.79
C GLN B 120 9.30 31.45 19.81
N GLU B 121 10.59 31.46 19.49
CA GLU B 121 11.46 30.26 19.66
C GLU B 121 11.68 30.01 21.14
N GLN B 122 11.67 28.75 21.56
CA GLN B 122 11.94 28.34 22.94
C GLN B 122 13.24 27.53 22.97
N GLU B 123 13.86 27.42 24.14
CA GLU B 123 15.22 26.84 24.26
C GLU B 123 15.09 25.34 24.51
N ALA B 124 14.45 24.62 23.62
CA ALA B 124 14.31 23.15 23.69
C ALA B 124 14.22 22.62 22.27
N ALA B 125 14.84 21.47 21.96
CA ALA B 125 14.85 20.95 20.57
C ALA B 125 13.43 20.57 20.15
N LYS B 126 13.06 20.94 18.93
CA LYS B 126 11.79 20.52 18.30
C LYS B 126 11.88 19.03 17.95
N LYS B 127 10.91 18.24 18.39
CA LYS B 127 10.89 16.78 18.18
C LYS B 127 10.03 16.50 16.94
N PHE B 128 10.56 15.71 16.01
CA PHE B 128 9.85 15.22 14.80
C PHE B 128 9.63 13.71 14.95
N ILE B 129 8.47 13.25 14.49
CA ILE B 129 8.15 11.81 14.34
C ILE B 129 8.49 11.40 12.90
N ARG B 130 9.47 10.52 12.72
CA ARG B 130 9.92 9.99 11.39
C ARG B 130 9.28 8.61 11.18
N ILE B 131 8.48 8.48 10.13
CA ILE B 131 7.92 7.18 9.69
C ILE B 131 9.10 6.31 9.22
N LYS B 132 9.21 5.11 9.74
CA LYS B 132 10.28 4.14 9.40
C LYS B 132 9.73 3.02 8.51
N ARG B 133 8.48 2.64 8.70
CA ARG B 133 7.84 1.53 7.93
C ARG B 133 6.45 1.96 7.52
N GLU B 134 5.94 1.35 6.45
CA GLU B 134 4.58 1.58 5.95
C GLU B 134 3.60 1.07 7.00
N VAL B 135 2.59 1.88 7.29
CA VAL B 135 1.43 1.56 8.18
C VAL B 135 0.17 1.94 7.41
N SER B 136 -0.88 1.10 7.42
CA SER B 136 -2.15 1.38 6.71
C SER B 136 -3.34 0.91 7.53
N VAL B 137 -4.48 1.57 7.32
CA VAL B 137 -5.80 1.20 7.88
C VAL B 137 -6.83 1.22 6.73
N GLU B 138 -7.86 0.41 6.87
CA GLU B 138 -8.94 0.24 5.87
C GLU B 138 -10.29 0.30 6.56
N GLU B 139 -11.32 0.81 5.89
CA GLU B 139 -12.75 0.75 6.29
C GLU B 139 -13.58 0.70 5.00
N GLY B 140 -14.00 -0.50 4.59
CA GLY B 140 -14.67 -0.75 3.31
C GLY B 140 -13.80 -0.30 2.16
N ASP B 141 -14.25 0.68 1.38
CA ASP B 141 -13.47 1.26 0.26
C ASP B 141 -12.56 2.42 0.75
N LYS B 142 -12.66 2.83 2.03
CA LYS B 142 -11.80 3.91 2.61
C LYS B 142 -10.41 3.34 2.97
N ARG B 143 -9.33 4.06 2.67
CA ARG B 143 -7.97 3.63 3.09
C ARG B 143 -7.16 4.85 3.55
N ALA B 144 -6.30 4.69 4.56
CA ALA B 144 -5.32 5.73 4.97
C ALA B 144 -3.95 5.08 5.23
N VAL B 145 -2.89 5.68 4.69
CA VAL B 145 -1.52 5.08 4.65
C VAL B 145 -0.47 6.09 5.10
N PHE B 146 0.51 5.62 5.89
CA PHE B 146 1.82 6.30 6.13
C PHE B 146 2.92 5.54 5.39
N VAL B 147 3.77 6.23 4.67
CA VAL B 147 5.02 5.63 4.11
C VAL B 147 6.20 6.53 4.44
N PRO B 148 7.41 5.96 4.56
CA PRO B 148 8.63 6.75 4.76
C PRO B 148 8.79 7.71 3.59
N PHE B 149 9.29 8.90 3.91
CA PHE B 149 9.51 10.01 2.94
C PHE B 149 10.36 11.05 3.66
N ASP B 150 11.41 11.52 2.98
CA ASP B 150 12.36 12.51 3.57
C ASP B 150 11.77 13.91 3.38
N GLY B 151 10.79 14.25 4.21
CA GLY B 151 10.06 15.52 4.12
C GLY B 151 8.66 15.31 4.67
N PHE B 152 7.71 16.12 4.23
CA PHE B 152 6.31 15.95 4.65
C PHE B 152 5.44 16.16 3.43
N LYS B 153 4.71 15.12 3.08
CA LYS B 153 3.88 15.09 1.85
C LYS B 153 2.52 14.49 2.21
N VAL B 154 1.47 15.17 1.78
CA VAL B 154 0.08 14.77 2.04
C VAL B 154 -0.62 14.69 0.67
N SER B 155 -1.26 13.55 0.45
CA SER B 155 -2.03 13.23 -0.78
C SER B 155 -3.42 12.72 -0.40
N PHE B 156 -4.39 13.05 -1.25
CA PHE B 156 -5.78 12.65 -1.04
C PHE B 156 -6.43 12.48 -2.41
N GLU B 157 -7.22 11.43 -2.52
CA GLU B 157 -8.05 11.20 -3.73
C GLU B 157 -9.41 10.74 -3.25
N ILE B 158 -10.46 11.11 -3.98
CA ILE B 158 -11.81 10.56 -3.70
C ILE B 158 -12.56 10.45 -5.01
N ASP B 159 -13.24 9.31 -5.20
CA ASP B 159 -14.24 9.15 -6.29
C ASP B 159 -15.62 9.23 -5.63
N PHE B 160 -16.14 10.45 -5.57
CA PHE B 160 -17.43 10.87 -4.95
C PHE B 160 -18.49 10.94 -6.06
N ASP B 161 -19.52 10.11 -5.99
CA ASP B 161 -20.56 10.03 -7.04
C ASP B 161 -21.54 11.20 -6.87
N HIS B 162 -21.17 12.37 -7.42
CA HIS B 162 -21.97 13.60 -7.51
C HIS B 162 -21.62 14.28 -8.82
N PRO B 163 -22.59 14.84 -9.55
CA PRO B 163 -22.25 15.55 -10.79
C PRO B 163 -21.23 16.71 -10.72
N VAL B 164 -21.03 17.32 -9.53
CA VAL B 164 -20.01 18.40 -9.36
C VAL B 164 -18.66 17.89 -9.86
N PHE B 165 -18.39 16.60 -9.71
CA PHE B 165 -17.08 16.00 -10.07
C PHE B 165 -17.04 15.45 -11.51
N ARG B 166 -18.13 15.54 -12.29
CA ARG B 166 -18.05 15.27 -13.76
C ARG B 166 -17.60 13.81 -13.96
N GLY B 167 -17.92 12.90 -13.05
CA GLY B 167 -17.60 11.46 -13.15
C GLY B 167 -16.13 11.12 -12.94
N ARG B 168 -15.33 12.07 -12.44
CA ARG B 168 -13.85 11.91 -12.30
C ARG B 168 -13.48 11.83 -10.82
N THR B 169 -12.50 10.99 -10.53
CA THR B 169 -11.74 10.94 -9.25
C THR B 169 -11.10 12.31 -9.05
N GLN B 170 -11.18 12.87 -7.84
CA GLN B 170 -10.45 14.11 -7.45
C GLN B 170 -9.18 13.69 -6.73
N GLN B 171 -8.04 14.28 -7.07
CA GLN B 171 -6.71 13.94 -6.52
C GLN B 171 -5.90 15.22 -6.34
N ALA B 172 -5.20 15.38 -5.21
CA ALA B 172 -4.16 16.42 -5.03
C ALA B 172 -3.06 15.91 -4.07
N SER B 173 -1.86 16.45 -4.28
CA SER B 173 -0.67 16.21 -3.43
CA SER B 173 -0.63 16.19 -3.47
C SER B 173 0.00 17.55 -3.12
N VAL B 174 0.50 17.69 -1.90
CA VAL B 174 1.29 18.88 -1.48
C VAL B 174 2.57 18.32 -0.85
N ASP B 175 3.71 18.73 -1.37
CA ASP B 175 5.05 18.51 -0.75
C ASP B 175 5.36 19.77 0.07
N PHE B 176 5.29 19.65 1.40
CA PHE B 176 4.77 20.69 2.36
C PHE B 176 5.94 21.49 2.95
N SER B 177 5.71 22.81 3.06
CA SER B 177 6.43 23.80 3.91
C SER B 177 5.37 24.76 4.45
N SER B 178 5.75 25.68 5.36
CA SER B 178 4.88 26.80 5.79
C SER B 178 4.37 27.56 4.54
N THR B 179 5.25 27.85 3.58
CA THR B 179 4.95 28.70 2.39
C THR B 179 3.92 28.00 1.48
N SER B 180 4.14 26.72 1.22
CA SER B 180 3.24 25.95 0.33
C SER B 180 1.93 25.64 1.11
N PHE B 181 1.96 25.50 2.45
CA PHE B 181 0.71 25.31 3.24
C PHE B 181 -0.16 26.56 3.13
N VAL B 182 0.41 27.73 3.41
CA VAL B 182 -0.32 29.03 3.49
C VAL B 182 -0.95 29.31 2.11
N LYS B 183 -0.17 29.13 1.04
CA LYS B 183 -0.56 29.47 -0.36
C LYS B 183 -1.55 28.42 -0.88
N GLU B 184 -1.13 27.15 -0.85
CA GLU B 184 -1.76 26.03 -1.60
C GLU B 184 -3.00 25.52 -0.88
N VAL B 185 -3.03 25.57 0.47
CA VAL B 185 -3.99 24.76 1.27
C VAL B 185 -4.83 25.61 2.26
N SER B 186 -4.26 26.58 2.99
CA SER B 186 -4.84 27.15 4.24
C SER B 186 -6.24 27.76 4.04
N ARG B 187 -6.54 28.32 2.86
CA ARG B 187 -7.84 29.00 2.60
C ARG B 187 -8.93 28.10 1.96
N ALA B 188 -8.69 26.81 1.71
CA ALA B 188 -9.68 25.88 1.10
C ALA B 188 -10.90 25.69 2.00
N ARG B 189 -12.10 25.94 1.48
CA ARG B 189 -13.36 25.58 2.15
C ARG B 189 -13.79 24.18 1.67
N THR B 190 -14.67 23.53 2.43
CA THR B 190 -15.30 22.25 2.06
C THR B 190 -16.60 22.52 1.28
N PHE B 191 -17.18 21.46 0.71
CA PHE B 191 -18.51 21.48 0.07
C PHE B 191 -19.59 21.19 1.11
N GLY B 192 -20.59 22.07 1.21
CA GLY B 192 -21.78 21.88 2.04
C GLY B 192 -22.93 21.52 1.11
N PHE B 193 -23.40 20.27 1.18
CA PHE B 193 -24.47 19.77 0.28
C PHE B 193 -25.81 20.25 0.83
N MET B 194 -26.60 20.91 -0.02
CA MET B 194 -27.94 21.43 0.31
C MET B 194 -28.78 20.36 1.05
N ARG B 195 -28.74 19.11 0.58
CA ARG B 195 -29.47 17.97 1.21
C ARG B 195 -29.16 17.96 2.71
N ASP B 196 -27.88 17.78 3.04
CA ASP B 196 -27.37 17.57 4.42
C ASP B 196 -27.70 18.78 5.29
N ILE B 197 -27.52 19.98 4.72
CA ILE B 197 -27.74 21.25 5.47
C ILE B 197 -29.22 21.41 5.83
N GLU B 198 -30.14 21.33 4.85
CA GLU B 198 -31.56 21.73 5.04
C GLU B 198 -32.15 20.92 6.21
N TYR B 199 -31.80 19.64 6.30
CA TYR B 199 -32.26 18.77 7.40
C TYR B 199 -31.83 19.37 8.74
N LEU B 200 -30.53 19.67 8.91
CA LEU B 200 -29.93 20.06 10.21
C LEU B 200 -30.60 21.35 10.68
N ARG B 201 -30.78 22.33 9.78
CA ARG B 201 -31.35 23.65 10.16
C ARG B 201 -32.83 23.48 10.59
N GLN B 203 -33.04 19.52 12.14
CA GLN B 203 -32.98 19.11 13.56
C GLN B 203 -32.47 20.26 14.45
N ASN B 204 -32.71 21.54 14.11
CA ASN B 204 -32.18 22.74 14.81
C ASN B 204 -30.65 22.65 14.97
N LEU B 205 -29.93 22.14 13.97
CA LEU B 205 -28.48 21.90 14.04
C LEU B 205 -27.76 22.74 12.97
N ALA B 206 -26.43 22.73 13.00
CA ALA B 206 -25.55 23.52 12.11
C ALA B 206 -26.13 24.92 11.87
N LEU B 207 -26.62 25.59 12.92
CA LEU B 207 -27.25 26.94 12.85
C LEU B 207 -26.21 27.99 12.43
N GLY B 208 -24.92 27.71 12.65
CA GLY B 208 -23.79 28.55 12.18
C GLY B 208 -23.41 28.31 10.72
N GLY B 209 -23.82 27.19 10.12
CA GLY B 209 -23.39 26.83 8.76
C GLY B 209 -24.02 27.76 7.74
N SER B 210 -23.25 28.23 6.76
CA SER B 210 -23.71 29.31 5.85
C SER B 210 -22.84 29.40 4.61
N VAL B 211 -23.25 30.22 3.64
CA VAL B 211 -22.44 30.45 2.41
C VAL B 211 -21.13 31.17 2.80
N GLU B 212 -21.04 31.71 4.02
CA GLU B 212 -19.82 32.42 4.51
C GLU B 212 -18.73 31.41 4.90
N ASN B 213 -19.08 30.16 5.20
CA ASN B 213 -18.10 29.18 5.75
C ASN B 213 -18.08 27.86 4.96
N ALA B 214 -18.88 27.73 3.89
CA ALA B 214 -18.75 26.58 2.98
C ALA B 214 -19.20 26.95 1.57
N ILE B 215 -18.71 26.16 0.62
CA ILE B 215 -19.14 26.19 -0.81
C ILE B 215 -20.42 25.37 -0.90
N VAL B 216 -21.58 25.99 -1.09
CA VAL B 216 -22.87 25.26 -1.09
C VAL B 216 -23.04 24.63 -2.50
N VAL B 217 -23.45 23.37 -2.50
CA VAL B 217 -23.61 22.48 -3.69
C VAL B 217 -25.03 21.89 -3.64
N ASP B 218 -25.80 22.01 -4.74
CA ASP B 218 -27.10 21.29 -4.84
C ASP B 218 -26.83 19.87 -5.39
N GLU B 219 -27.87 19.16 -5.87
CA GLU B 219 -27.75 17.78 -6.42
C GLU B 219 -26.89 17.78 -7.71
N ASN B 220 -26.60 18.92 -8.33
CA ASN B 220 -25.91 18.97 -9.64
C ASN B 220 -24.60 19.78 -9.71
N ARG B 221 -24.41 20.85 -8.91
CA ARG B 221 -23.34 21.84 -9.19
C ARG B 221 -23.08 22.74 -7.96
N VAL B 222 -21.92 23.38 -7.98
CA VAL B 222 -21.56 24.49 -7.06
C VAL B 222 -22.53 25.62 -7.37
N LEU B 223 -23.34 26.05 -6.40
CA LEU B 223 -24.44 27.01 -6.67
C LEU B 223 -23.82 28.33 -7.11
N ASN B 224 -22.81 28.79 -6.39
CA ASN B 224 -22.22 30.12 -6.66
C ASN B 224 -20.69 30.01 -6.75
N GLU B 225 -20.15 30.02 -7.97
CA GLU B 225 -18.72 29.76 -8.29
C GLU B 225 -17.83 30.93 -7.90
N ASP B 226 -18.42 32.12 -7.71
CA ASP B 226 -17.71 33.32 -7.19
C ASP B 226 -17.06 33.00 -5.82
N GLY B 227 -17.63 32.05 -5.06
CA GLY B 227 -17.12 31.61 -3.75
C GLY B 227 -15.85 30.77 -3.81
N LEU B 228 -15.46 30.23 -4.97
CA LEU B 228 -14.29 29.31 -5.09
C LEU B 228 -12.98 30.08 -4.96
N ARG B 229 -11.99 29.52 -4.25
CA ARG B 229 -10.65 30.14 -4.08
C ARG B 229 -9.59 29.38 -4.86
N TYR B 230 -9.73 28.06 -5.01
CA TYR B 230 -8.71 27.18 -5.64
C TYR B 230 -9.38 26.29 -6.69
N GLU B 231 -8.61 25.75 -7.64
CA GLU B 231 -9.06 24.56 -8.42
C GLU B 231 -8.85 23.34 -7.51
N ASP B 232 -9.75 22.36 -7.60
CA ASP B 232 -9.73 21.11 -6.80
C ASP B 232 -9.85 21.51 -5.31
N GLU B 233 -10.68 22.52 -5.01
CA GLU B 233 -10.77 23.08 -3.65
C GLU B 233 -11.20 21.98 -2.68
N PHE B 234 -12.11 21.08 -3.07
CA PHE B 234 -12.70 20.12 -2.11
C PHE B 234 -11.59 19.22 -1.56
N VAL B 235 -10.71 18.73 -2.45
CA VAL B 235 -9.63 17.76 -2.08
C VAL B 235 -8.53 18.53 -1.35
N LYS B 236 -8.34 19.82 -1.63
CA LYS B 236 -7.39 20.65 -0.86
C LYS B 236 -7.92 20.79 0.57
N HIS B 237 -9.22 20.93 0.78
CA HIS B 237 -9.81 20.99 2.14
C HIS B 237 -9.60 19.66 2.88
N LYS B 238 -9.74 18.56 2.18
CA LYS B 238 -9.46 17.23 2.79
C LYS B 238 -7.98 17.20 3.24
N ILE B 239 -7.05 17.76 2.47
CA ILE B 239 -5.60 17.79 2.82
C ILE B 239 -5.42 18.71 4.07
N LEU B 240 -6.09 19.86 4.10
CA LEU B 240 -6.13 20.79 5.29
C LEU B 240 -6.63 19.99 6.50
N ASP B 241 -7.72 19.23 6.37
CA ASP B 241 -8.30 18.49 7.50
C ASP B 241 -7.27 17.45 7.97
N ALA B 242 -6.66 16.75 7.01
CA ALA B 242 -5.69 15.66 7.31
C ALA B 242 -4.49 16.24 8.08
N ILE B 243 -3.96 17.40 7.70
CA ILE B 243 -2.82 18.02 8.42
C ILE B 243 -3.23 18.33 9.87
N GLY B 244 -4.45 18.80 10.09
CA GLY B 244 -4.95 19.03 11.45
C GLY B 244 -5.11 17.74 12.24
N ASP B 245 -5.72 16.73 11.65
CA ASP B 245 -5.89 15.43 12.35
C ASP B 245 -4.52 14.78 12.62
N LEU B 246 -3.58 14.86 11.70
CA LEU B 246 -2.22 14.28 11.91
C LEU B 246 -1.51 15.00 13.06
N TYR B 247 -1.80 16.29 13.31
CA TYR B 247 -1.07 17.02 14.36
C TYR B 247 -1.46 16.52 15.74
N LEU B 248 -2.50 15.71 15.83
CA LEU B 248 -2.90 15.09 17.12
C LEU B 248 -1.85 14.08 17.54
N LEU B 249 -0.84 13.81 16.71
CA LEU B 249 0.33 13.01 17.14
C LEU B 249 1.13 13.82 18.18
N GLY B 250 1.06 15.15 18.14
CA GLY B 250 1.70 16.04 19.13
C GLY B 250 3.01 16.63 18.64
N ASN B 251 3.44 16.26 17.44
CA ASN B 251 4.73 16.65 16.81
C ASN B 251 4.59 16.67 15.28
N SER B 252 5.42 17.47 14.63
CA SER B 252 5.62 17.47 13.16
CA SER B 252 5.60 17.46 13.15
C SER B 252 6.03 16.06 12.66
N LEU B 253 5.52 15.67 11.49
CA LEU B 253 5.77 14.37 10.82
C LEU B 253 6.83 14.53 9.74
N ILE B 254 7.73 13.55 9.70
CA ILE B 254 8.65 13.33 8.55
C ILE B 254 8.17 12.04 7.88
N GLY B 255 7.42 12.17 6.79
CA GLY B 255 6.83 11.01 6.13
C GLY B 255 5.74 11.44 5.19
N GLU B 256 5.08 10.48 4.59
CA GLU B 256 4.07 10.74 3.56
C GLU B 256 2.78 10.13 4.06
N PHE B 257 1.69 10.88 3.93
CA PHE B 257 0.33 10.41 4.20
C PHE B 257 -0.34 10.29 2.84
N ARG B 258 -1.10 9.22 2.68
CA ARG B 258 -1.98 9.03 1.48
C ARG B 258 -3.39 8.73 1.99
N GLY B 259 -4.35 9.57 1.63
CA GLY B 259 -5.77 9.29 1.93
C GLY B 259 -6.52 8.85 0.70
N PHE B 260 -7.36 7.84 0.83
CA PHE B 260 -8.31 7.36 -0.23
C PHE B 260 -9.71 7.37 0.35
N LYS B 261 -10.46 8.44 0.12
CA LYS B 261 -11.87 8.55 0.58
C LYS B 261 -11.89 8.55 2.11
N SER B 262 -10.75 8.89 2.73
CA SER B 262 -10.54 8.89 4.20
C SER B 262 -11.16 10.16 4.80
N GLY B 263 -11.55 10.08 6.06
CA GLY B 263 -12.10 11.17 6.85
C GLY B 263 -11.48 11.16 8.24
N HIS B 264 -12.10 11.90 9.15
CA HIS B 264 -11.59 12.18 10.50
C HIS B 264 -11.45 10.84 11.23
N ALA B 265 -12.41 9.93 11.12
CA ALA B 265 -12.38 8.66 11.87
C ALA B 265 -11.17 7.80 11.45
N LEU B 266 -11.00 7.56 10.15
CA LEU B 266 -9.90 6.72 9.62
C LEU B 266 -8.57 7.39 9.90
N ASN B 267 -8.51 8.72 9.77
CA ASN B 267 -7.29 9.52 10.11
C ASN B 267 -6.83 9.16 11.54
N ASN B 268 -7.76 9.19 12.50
CA ASN B 268 -7.47 8.94 13.93
C ASN B 268 -7.11 7.45 14.10
N GLN B 269 -7.75 6.56 13.35
CA GLN B 269 -7.46 5.09 13.38
C GLN B 269 -6.02 4.89 12.89
N LEU B 270 -5.57 5.62 11.86
CA LEU B 270 -4.17 5.51 11.37
C LEU B 270 -3.20 5.94 12.48
N LEU B 271 -3.47 7.08 13.13
CA LEU B 271 -2.61 7.58 14.24
C LEU B 271 -2.48 6.50 15.33
N ARG B 272 -3.58 5.95 15.79
CA ARG B 272 -3.56 4.95 16.89
C ARG B 272 -2.77 3.73 16.44
N THR B 273 -2.99 3.27 15.20
CA THR B 273 -2.26 2.11 14.62
C THR B 273 -0.77 2.43 14.57
N LEU B 274 -0.39 3.64 14.13
CA LEU B 274 1.05 4.00 14.04
C LEU B 274 1.63 3.94 15.46
N ILE B 275 0.96 4.58 16.41
CA ILE B 275 1.53 4.80 17.78
C ILE B 275 1.79 3.40 18.37
N ALA B 276 0.85 2.48 18.16
CA ALA B 276 0.92 1.09 18.66
C ALA B 276 2.08 0.32 18.02
N ASP B 277 2.52 0.70 16.80
CA ASP B 277 3.61 0.03 16.06
C ASP B 277 4.95 0.73 16.37
N LYS B 278 5.62 0.34 17.46
CA LYS B 278 6.79 1.09 17.99
C LYS B 278 7.96 1.00 17.00
N ASP B 279 8.03 -0.05 16.17
CA ASP B 279 9.10 -0.20 15.14
C ASP B 279 8.84 0.70 13.91
N ALA B 280 7.64 1.25 13.73
CA ALA B 280 7.27 1.97 12.50
C ALA B 280 7.65 3.46 12.62
N TRP B 281 8.12 3.92 13.78
CA TRP B 281 8.42 5.38 13.94
C TRP B 281 9.54 5.55 14.95
N GLU B 282 10.20 6.70 14.87
CA GLU B 282 11.14 7.17 15.91
C GLU B 282 11.00 8.68 16.06
N VAL B 283 11.42 9.20 17.20
CA VAL B 283 11.46 10.66 17.46
C VAL B 283 12.87 11.16 17.20
N VAL B 284 13.01 12.23 16.44
CA VAL B 284 14.35 12.75 16.07
C VAL B 284 14.35 14.28 16.22
N THR B 285 15.51 14.83 16.55
CA THR B 285 15.78 16.29 16.55
C THR B 285 16.93 16.58 15.58
N PHE B 286 17.06 17.82 15.16
CA PHE B 286 18.05 18.24 14.13
C PHE B 286 18.87 19.43 14.62
N GLU B 287 20.12 19.46 14.18
CA GLU B 287 21.07 20.59 14.37
C GLU B 287 20.62 21.82 13.59
N ASP B 288 20.21 21.65 12.33
CA ASP B 288 19.85 22.80 11.45
C ASP B 288 19.30 22.26 10.11
C1 FZ0 C . 4.61 -29.50 -5.70
C2 FZ0 C . 3.24 -29.31 -5.84
C3 FZ0 C . 2.39 -30.43 -5.68
C4 FZ0 C . 2.93 -31.67 -5.33
C5 FZ0 C . 4.30 -31.85 -5.18
C6 FZ0 C . 5.14 -30.74 -5.36
N7 FZ0 C . 2.63 -28.12 -6.15
C8 FZ0 C . 3.26 -26.93 -6.26
C9 FZ0 C . 2.34 -25.78 -6.67
N10 FZ0 C . 3.18 -24.62 -7.10
O11 FZ0 C . 4.46 -26.72 -6.02
O12 FZ0 C . 2.07 -32.70 -5.24
C13 FZ0 C . 1.85 -33.31 -3.97
F14 FZ0 C . 0.77 -34.04 -4.16
F15 FZ0 C . 1.75 -32.41 -3.04
F16 FZ0 C . 2.88 -33.99 -3.60
ZN ZN D . 4.95 -24.50 -6.47
C1 FZ0 E . -17.22 23.45 7.42
C2 FZ0 E . -17.78 22.20 7.73
C3 FZ0 E . -19.19 22.13 7.80
C4 FZ0 E . -19.96 23.25 7.57
C5 FZ0 E . -19.38 24.46 7.25
C6 FZ0 E . -18.00 24.56 7.19
N7 FZ0 E . -17.07 21.03 7.93
C8 FZ0 E . -15.75 20.86 7.79
C9 FZ0 E . -15.30 19.44 8.14
N10 FZ0 E . -13.82 19.35 8.17
O11 FZ0 E . -14.88 21.70 7.45
O12 FZ0 E . -21.30 23.12 7.69
C13 FZ0 E . -22.18 23.04 6.57
F14 FZ0 E . -22.21 24.15 5.89
F15 FZ0 E . -23.36 22.80 7.09
F16 FZ0 E . -21.82 22.09 5.76
ZN ZN F . -12.72 20.85 7.44
#